data_6A1B
#
_entry.id   6A1B
#
_cell.length_a   137.546
_cell.length_b   137.546
_cell.length_c   112.034
_cell.angle_alpha   90.00
_cell.angle_beta   90.00
_cell.angle_gamma   90.00
#
_symmetry.space_group_name_H-M   'I 4 2 2'
#
loop_
_entity.id
_entity.type
_entity.pdbx_description
1 polymer '4-hydroxymandelate oxidase'
2 non-polymer 'FLAVIN MONONUCLEOTIDE'
3 non-polymer '3,3,3-trifluoro-2,2-dihydroxypropanoic acid'
4 water water
#
_entity_poly.entity_id   1
_entity_poly.type   'polypeptide(L)'
_entity_poly.pdbx_seq_one_letter_code
;MGSSHHHHHHSSGLVPRGSHMTYVSLADLERAARDVLPGEIFDFLAGGSGTEASLVANRTALERVFVIPRMLRDLTDVTT
EIDIFGRRAALPMAVAPVAYQRLFHPEGELAVARAARDAGVPYTICTLSSVSLEEIAAVGGRPWFQLFWLRDEKRSLDLV
RRAEDAGCEAIVFTVDVPWMGRRLRDMRNGFALPEWVTAANFDAGTAAHRRTQGVSAVADHTAREFAPATWESVEAVRAH
TDLPVVLKGILAVEDARRAVDAGAGGIVVSNHGGRQLDGAVPGIEMLGEIVAAVSGGCEVLVDGGIRSGGDVLKATALGA
SAVLVGRPVMWALAAAGQDGVRQLLELLAEEVRDAMGLAGCESVGAARRLNTKLGVV
;
_entity_poly.pdbx_strand_id   A
#
# COMPACT_ATOMS: atom_id res chain seq x y z
N THR A 22 -12.40 12.76 -18.55
CA THR A 22 -11.07 13.08 -18.01
C THR A 22 -11.17 13.21 -16.49
N TYR A 23 -10.20 12.64 -15.80
CA TYR A 23 -10.16 12.70 -14.35
C TYR A 23 -9.10 13.71 -13.93
N VAL A 24 -9.47 14.63 -13.04
CA VAL A 24 -8.50 15.64 -12.61
C VAL A 24 -8.12 15.48 -11.15
N SER A 25 -8.75 14.55 -10.44
CA SER A 25 -8.42 14.23 -9.05
C SER A 25 -8.81 12.76 -8.83
N LEU A 26 -8.25 12.17 -7.77
CA LEU A 26 -8.61 10.79 -7.45
C LEU A 26 -10.06 10.69 -7.05
N ALA A 27 -10.65 11.77 -6.51
CA ALA A 27 -12.06 11.74 -6.12
C ALA A 27 -12.98 11.62 -7.31
N ASP A 28 -12.55 12.07 -8.50
CA ASP A 28 -13.38 11.79 -9.68
C ASP A 28 -13.49 10.28 -9.90
N LEU A 29 -12.42 9.53 -9.61
CA LEU A 29 -12.50 8.09 -9.83
C LEU A 29 -13.42 7.43 -8.80
N GLU A 30 -13.42 7.89 -7.54
N GLU A 30 -13.41 7.91 -7.57
CA GLU A 30 -14.35 7.29 -6.58
CA GLU A 30 -14.31 7.37 -6.58
C GLU A 30 -15.80 7.48 -7.04
C GLU A 30 -15.77 7.48 -7.04
N ARG A 31 -16.13 8.66 -7.56
CA ARG A 31 -17.51 8.89 -7.99
C ARG A 31 -17.87 7.96 -9.13
N ALA A 32 -16.93 7.77 -10.06
CA ALA A 32 -17.17 6.87 -11.17
C ALA A 32 -17.32 5.42 -10.70
N ALA A 33 -16.51 4.98 -9.75
CA ALA A 33 -16.62 3.61 -9.29
C ALA A 33 -17.92 3.38 -8.52
N ARG A 34 -18.36 4.38 -7.76
CA ARG A 34 -19.61 4.21 -7.03
C ARG A 34 -20.79 4.06 -7.98
N ASP A 35 -20.75 4.76 -9.10
CA ASP A 35 -21.82 4.60 -10.11
C ASP A 35 -21.90 3.16 -10.64
N VAL A 36 -20.76 2.53 -10.94
CA VAL A 36 -20.77 1.25 -11.64
C VAL A 36 -20.90 0.04 -10.73
N LEU A 37 -20.29 0.07 -9.53
CA LEU A 37 -20.24 -1.17 -8.80
C LEU A 37 -21.54 -1.45 -8.06
N PRO A 38 -21.90 -2.72 -7.95
CA PRO A 38 -22.98 -3.11 -7.05
C PRO A 38 -22.69 -2.59 -5.66
N GLY A 39 -23.73 -2.17 -4.96
CA GLY A 39 -23.54 -1.56 -3.64
C GLY A 39 -22.73 -2.42 -2.68
N GLU A 40 -22.95 -3.73 -2.66
CA GLU A 40 -22.29 -4.54 -1.66
C GLU A 40 -20.82 -4.71 -2.00
N ILE A 41 -20.46 -4.63 -3.29
CA ILE A 41 -19.05 -4.67 -3.66
C ILE A 41 -18.40 -3.33 -3.36
N PHE A 42 -19.08 -2.22 -3.65
CA PHE A 42 -18.56 -0.92 -3.24
C PHE A 42 -18.34 -0.89 -1.72
N ASP A 43 -19.26 -1.47 -0.96
CA ASP A 43 -19.10 -1.48 0.51
C ASP A 43 -17.93 -2.35 0.96
N PHE A 44 -17.73 -3.55 0.35
CA PHE A 44 -16.55 -4.36 0.63
C PHE A 44 -15.29 -3.54 0.43
N LEU A 45 -15.22 -2.78 -0.67
CA LEU A 45 -14.05 -1.94 -1.00
C LEU A 45 -13.89 -0.76 -0.03
N ALA A 46 -14.96 -0.02 0.19
CA ALA A 46 -14.90 1.24 0.94
C ALA A 46 -14.82 1.04 2.44
N GLY A 47 -15.41 -0.01 2.94
CA GLY A 47 -15.65 -0.15 4.38
C GLY A 47 -14.41 -0.39 5.23
N GLY A 48 -14.66 -0.21 6.51
CA GLY A 48 -13.66 -0.50 7.54
C GLY A 48 -14.30 -1.36 8.62
N SER A 49 -13.57 -1.58 9.73
CA SER A 49 -14.09 -2.38 10.82
C SER A 49 -14.84 -1.51 11.81
N GLY A 50 -15.76 -2.17 12.53
CA GLY A 50 -16.42 -1.48 13.63
C GLY A 50 -17.15 -0.22 13.22
N THR A 51 -16.88 0.88 13.96
CA THR A 51 -17.50 2.17 13.68
C THR A 51 -16.81 2.93 12.57
N GLU A 52 -15.75 2.36 12.00
CA GLU A 52 -14.97 3.00 10.94
C GLU A 52 -14.21 4.23 11.46
N ALA A 53 -13.93 4.27 12.76
CA ALA A 53 -13.16 5.39 13.32
C ALA A 53 -11.75 5.45 12.74
N SER A 54 -11.10 4.29 12.54
CA SER A 54 -9.74 4.33 12.01
C SER A 54 -9.73 4.63 10.52
N LEU A 55 -10.77 4.19 9.80
CA LEU A 55 -10.91 4.57 8.39
C LEU A 55 -10.97 6.09 8.23
N VAL A 56 -11.85 6.74 8.99
CA VAL A 56 -12.00 8.20 8.92
CA VAL A 56 -11.94 8.17 8.82
C VAL A 56 -10.72 8.87 9.40
N ALA A 57 -10.12 8.33 10.48
CA ALA A 57 -8.93 8.97 11.02
C ALA A 57 -7.75 8.97 10.06
N ASN A 58 -7.68 7.97 9.15
CA ASN A 58 -6.59 8.02 8.16
C ASN A 58 -6.66 9.30 7.33
N ARG A 59 -7.88 9.72 6.96
CA ARG A 59 -8.02 10.97 6.22
C ARG A 59 -7.81 12.19 7.11
N THR A 60 -8.41 12.20 8.31
N THR A 60 -8.38 12.20 8.30
CA THR A 60 -8.24 13.36 9.18
CA THR A 60 -8.23 13.41 9.11
C THR A 60 -6.78 13.59 9.48
C THR A 60 -6.79 13.62 9.56
N ALA A 61 -6.02 12.53 9.72
CA ALA A 61 -4.63 12.69 10.09
C ALA A 61 -3.83 13.32 8.96
N LEU A 62 -4.08 12.96 7.70
CA LEU A 62 -3.35 13.58 6.60
C LEU A 62 -3.79 15.02 6.42
N GLU A 63 -5.08 15.29 6.60
CA GLU A 63 -5.60 16.65 6.41
C GLU A 63 -5.01 17.63 7.41
N ARG A 64 -4.56 17.17 8.56
CA ARG A 64 -4.01 18.04 9.58
C ARG A 64 -2.54 18.38 9.31
N VAL A 65 -1.87 17.66 8.40
CA VAL A 65 -0.44 17.86 8.15
C VAL A 65 -0.31 18.92 7.06
N PHE A 66 0.52 19.94 7.31
CA PHE A 66 0.80 20.91 6.27
C PHE A 66 2.30 20.89 5.99
N VAL A 67 2.66 21.07 4.71
CA VAL A 67 4.06 21.08 4.31
C VAL A 67 4.60 22.50 4.36
N ILE A 68 5.85 22.65 4.76
CA ILE A 68 6.55 23.94 4.68
C ILE A 68 7.44 23.87 3.44
N PRO A 69 6.98 24.40 2.30
CA PRO A 69 7.76 24.25 1.05
C PRO A 69 8.98 25.14 1.03
N ARG A 70 9.98 24.73 0.26
CA ARG A 70 11.17 25.53 0.01
C ARG A 70 11.08 26.17 -1.36
N MET A 71 11.72 27.32 -1.48
CA MET A 71 11.67 28.07 -2.73
C MET A 71 13.07 28.22 -3.32
N LEU A 72 13.09 28.54 -4.61
CA LEU A 72 14.30 29.05 -5.27
C LEU A 72 15.40 27.99 -5.42
N ARG A 73 14.99 26.72 -5.44
CA ARG A 73 15.94 25.64 -5.67
C ARG A 73 15.94 25.26 -7.15
N ASP A 74 17.04 24.61 -7.55
CA ASP A 74 17.16 24.18 -8.94
C ASP A 74 16.15 23.07 -9.22
N LEU A 75 15.30 23.28 -10.20
CA LEU A 75 14.30 22.30 -10.63
C LEU A 75 14.53 21.92 -12.09
N THR A 76 15.79 21.97 -12.55
N THR A 76 15.77 22.00 -12.53
CA THR A 76 16.00 21.68 -13.98
CA THR A 76 16.06 21.68 -13.93
C THR A 76 15.90 20.21 -14.32
C THR A 76 15.61 20.27 -14.26
N ASP A 77 15.88 19.33 -13.34
CA ASP A 77 15.68 17.92 -13.60
C ASP A 77 14.94 17.25 -12.44
N VAL A 78 13.71 17.71 -12.18
CA VAL A 78 12.92 17.08 -11.12
C VAL A 78 12.72 15.61 -11.49
N THR A 79 13.01 14.72 -10.55
CA THR A 79 12.75 13.31 -10.75
C THR A 79 11.98 12.79 -9.55
N THR A 80 10.94 12.02 -9.85
CA THR A 80 10.11 11.36 -8.83
C THR A 80 10.54 9.92 -8.58
N GLU A 81 11.68 9.48 -9.16
CA GLU A 81 12.08 8.09 -9.05
C GLU A 81 12.68 7.79 -7.69
N ILE A 82 12.58 6.51 -7.29
CA ILE A 82 13.29 6.04 -6.11
C ILE A 82 13.91 4.68 -6.46
N ASP A 83 14.88 4.28 -5.68
CA ASP A 83 15.38 2.91 -5.69
C ASP A 83 14.88 2.23 -4.43
N ILE A 84 14.22 1.10 -4.60
CA ILE A 84 13.71 0.38 -3.45
C ILE A 84 13.76 -1.12 -3.74
N PHE A 85 14.25 -1.88 -2.75
CA PHE A 85 14.32 -3.36 -2.86
C PHE A 85 15.05 -3.76 -4.15
N GLY A 86 16.07 -2.99 -4.50
CA GLY A 86 16.94 -3.24 -5.65
C GLY A 86 16.37 -2.89 -7.01
N ARG A 87 15.29 -2.14 -7.09
CA ARG A 87 14.72 -1.79 -8.38
C ARG A 87 14.43 -0.30 -8.38
N ARG A 88 14.59 0.35 -9.52
CA ARG A 88 14.13 1.71 -9.68
C ARG A 88 12.62 1.67 -9.85
N ALA A 89 11.91 2.57 -9.17
CA ALA A 89 10.49 2.75 -9.36
C ALA A 89 10.24 4.17 -9.82
N ALA A 90 9.19 4.39 -10.64
CA ALA A 90 9.00 5.69 -11.28
C ALA A 90 8.48 6.75 -10.32
N LEU A 91 7.88 6.33 -9.20
CA LEU A 91 7.28 7.20 -8.19
C LEU A 91 7.58 6.55 -6.86
N PRO A 92 7.51 7.30 -5.75
CA PRO A 92 7.65 6.69 -4.41
C PRO A 92 6.30 6.09 -3.99
N MET A 93 5.84 5.12 -4.77
CA MET A 93 4.53 4.51 -4.52
CA MET A 93 4.49 4.55 -4.59
C MET A 93 4.48 3.14 -5.17
N ALA A 94 3.68 2.27 -4.53
CA ALA A 94 3.37 0.95 -5.07
C ALA A 94 1.86 0.76 -4.91
N VAL A 95 1.28 -0.14 -5.71
CA VAL A 95 -0.11 -0.56 -5.54
C VAL A 95 -0.19 -1.48 -4.33
N ALA A 96 -1.05 -1.10 -3.36
CA ALA A 96 -1.21 -1.91 -2.16
C ALA A 96 -1.82 -3.26 -2.53
N PRO A 97 -1.57 -4.28 -1.73
CA PRO A 97 -2.31 -5.55 -1.87
C PRO A 97 -3.78 -5.34 -1.57
N VAL A 98 -4.66 -5.72 -2.53
CA VAL A 98 -6.10 -5.69 -2.36
C VAL A 98 -6.62 -7.01 -2.86
N ALA A 99 -7.25 -7.78 -1.99
CA ALA A 99 -7.77 -9.11 -2.37
C ALA A 99 -8.86 -9.03 -3.45
N TYR A 100 -8.89 -10.10 -4.29
CA TYR A 100 -10.11 -10.41 -5.11
C TYR A 100 -10.47 -9.30 -6.11
N GLN A 101 -9.48 -8.91 -6.94
CA GLN A 101 -9.70 -7.75 -7.82
C GLN A 101 -10.72 -8.01 -8.93
N ARG A 102 -11.02 -9.30 -9.21
CA ARG A 102 -12.10 -9.56 -10.17
C ARG A 102 -13.45 -9.13 -9.64
N LEU A 103 -13.57 -8.81 -8.34
CA LEU A 103 -14.80 -8.22 -7.88
C LEU A 103 -15.10 -6.91 -8.56
N PHE A 104 -14.05 -6.20 -9.02
CA PHE A 104 -14.19 -4.81 -9.49
C PHE A 104 -14.23 -4.66 -11.01
N HIS A 105 -13.69 -5.64 -11.72
CA HIS A 105 -13.59 -5.61 -13.18
C HIS A 105 -13.25 -7.02 -13.63
N PRO A 106 -13.76 -7.47 -14.79
CA PRO A 106 -13.48 -8.84 -15.21
C PRO A 106 -12.01 -9.18 -15.42
N GLU A 107 -11.17 -8.19 -15.78
CA GLU A 107 -9.75 -8.48 -15.94
C GLU A 107 -9.00 -8.45 -14.61
N GLY A 108 -9.65 -7.96 -13.56
CA GLY A 108 -9.08 -7.98 -12.20
C GLY A 108 -7.61 -7.62 -12.13
N GLU A 109 -6.86 -8.49 -11.47
CA GLU A 109 -5.43 -8.22 -11.20
C GLU A 109 -4.62 -8.03 -12.46
N LEU A 110 -5.02 -8.69 -13.57
CA LEU A 110 -4.18 -8.53 -14.75
C LEU A 110 -4.22 -7.10 -15.27
N ALA A 111 -5.42 -6.47 -15.23
CA ALA A 111 -5.56 -5.10 -15.68
C ALA A 111 -4.72 -4.17 -14.82
N VAL A 112 -4.78 -4.37 -13.51
CA VAL A 112 -4.02 -3.47 -12.64
C VAL A 112 -2.54 -3.69 -12.82
N ALA A 113 -2.10 -4.95 -12.87
CA ALA A 113 -0.69 -5.22 -12.97
C ALA A 113 -0.09 -4.67 -14.29
N ARG A 114 -0.85 -4.78 -15.41
CA ARG A 114 -0.38 -4.24 -16.67
C ARG A 114 -0.21 -2.73 -16.59
N ALA A 115 -1.17 -2.04 -15.98
CA ALA A 115 -1.06 -0.57 -15.87
C ALA A 115 0.10 -0.18 -14.95
N ALA A 116 0.28 -0.92 -13.85
CA ALA A 116 1.39 -0.62 -12.94
C ALA A 116 2.73 -0.83 -13.63
N ARG A 117 2.87 -1.97 -14.34
CA ARG A 117 4.07 -2.20 -15.14
C ARG A 117 4.34 -1.05 -16.10
N ASP A 118 3.31 -0.61 -16.82
CA ASP A 118 3.57 0.41 -17.84
C ASP A 118 3.91 1.75 -17.19
N ALA A 119 3.44 1.99 -15.96
CA ALA A 119 3.74 3.23 -15.24
C ALA A 119 5.05 3.13 -14.46
N GLY A 120 5.68 1.97 -14.39
CA GLY A 120 6.89 1.84 -13.62
C GLY A 120 6.69 1.78 -12.12
N VAL A 121 5.52 1.38 -11.68
CA VAL A 121 5.13 1.35 -10.26
CA VAL A 121 5.39 1.31 -10.23
C VAL A 121 5.10 -0.12 -9.84
N PRO A 122 5.65 -0.52 -8.69
CA PRO A 122 5.50 -1.90 -8.24
C PRO A 122 4.04 -2.24 -7.94
N TYR A 123 3.63 -3.48 -8.25
CA TYR A 123 2.31 -3.98 -7.96
C TYR A 123 2.43 -5.13 -6.97
N THR A 124 1.63 -5.11 -5.93
CA THR A 124 1.69 -6.16 -4.91
C THR A 124 0.66 -7.23 -5.22
N ILE A 125 1.14 -8.42 -5.63
CA ILE A 125 0.28 -9.59 -5.84
C ILE A 125 -0.18 -10.14 -4.50
N CYS A 126 -1.47 -10.37 -4.35
CA CYS A 126 -2.02 -10.81 -3.07
CA CYS A 126 -2.09 -10.80 -3.09
C CYS A 126 -2.10 -12.33 -2.96
N THR A 127 -1.90 -12.82 -1.73
CA THR A 127 -2.23 -14.22 -1.42
C THR A 127 -3.66 -14.58 -1.82
N LEU A 128 -4.62 -13.67 -1.62
CA LEU A 128 -6.02 -13.84 -2.03
C LEU A 128 -6.32 -13.23 -3.39
N SER A 129 -5.39 -13.36 -4.33
CA SER A 129 -5.65 -12.87 -5.68
C SER A 129 -6.68 -13.76 -6.38
N SER A 130 -7.49 -13.13 -7.22
CA SER A 130 -8.50 -13.86 -8.02
C SER A 130 -7.97 -14.33 -9.36
N VAL A 131 -6.72 -14.06 -9.66
CA VAL A 131 -5.95 -14.65 -10.76
C VAL A 131 -4.66 -15.18 -10.12
N SER A 132 -4.15 -16.33 -10.58
CA SER A 132 -3.00 -16.92 -9.91
C SER A 132 -1.78 -16.00 -9.94
N LEU A 133 -0.95 -16.13 -8.90
CA LEU A 133 0.20 -15.27 -8.80
C LEU A 133 1.17 -15.45 -9.97
N GLU A 134 1.24 -16.67 -10.55
CA GLU A 134 2.15 -16.86 -11.68
C GLU A 134 1.63 -16.13 -12.92
N GLU A 135 0.31 -16.16 -13.14
CA GLU A 135 -0.24 -15.39 -14.25
C GLU A 135 0.04 -13.90 -14.08
N ILE A 136 -0.18 -13.37 -12.86
CA ILE A 136 0.04 -11.94 -12.70
C ILE A 136 1.52 -11.59 -12.84
N ALA A 137 2.41 -12.43 -12.28
CA ALA A 137 3.84 -12.16 -12.41
C ALA A 137 4.27 -12.17 -13.88
N ALA A 138 3.64 -13.02 -14.70
CA ALA A 138 4.01 -13.09 -16.12
C ALA A 138 3.71 -11.79 -16.88
N VAL A 139 2.86 -10.92 -16.35
CA VAL A 139 2.66 -9.60 -16.94
C VAL A 139 3.96 -8.82 -16.99
N GLY A 140 4.87 -9.10 -16.05
CA GLY A 140 6.16 -8.41 -15.97
C GLY A 140 6.12 -7.29 -14.95
N GLY A 141 6.94 -6.29 -15.13
CA GLY A 141 6.94 -5.16 -14.19
C GLY A 141 7.59 -5.42 -12.85
N ARG A 142 8.46 -6.38 -12.73
CA ARG A 142 8.94 -6.63 -11.34
C ARG A 142 7.99 -6.48 -10.11
N PRO A 143 7.00 -7.37 -9.93
CA PRO A 143 5.99 -7.33 -8.86
C PRO A 143 6.49 -7.78 -7.49
N TRP A 144 5.72 -7.39 -6.44
CA TRP A 144 5.93 -7.90 -5.09
C TRP A 144 4.86 -8.92 -4.78
N PHE A 145 5.04 -9.66 -3.69
CA PHE A 145 4.06 -10.66 -3.28
C PHE A 145 3.69 -10.48 -1.82
N GLN A 146 2.39 -10.35 -1.56
CA GLN A 146 1.88 -10.21 -0.18
C GLN A 146 1.53 -11.59 0.34
N LEU A 147 2.01 -11.89 1.53
CA LEU A 147 1.78 -13.19 2.18
C LEU A 147 0.86 -13.07 3.37
N PHE A 148 -0.17 -13.94 3.44
CA PHE A 148 -0.87 -14.25 4.68
C PHE A 148 -0.31 -15.56 5.22
N TRP A 149 -0.07 -15.56 6.53
CA TRP A 149 0.29 -16.79 7.24
C TRP A 149 -0.96 -17.65 7.40
N LEU A 150 -0.81 -18.90 7.06
CA LEU A 150 -1.96 -19.80 7.08
C LEU A 150 -1.83 -20.84 8.17
N ARG A 151 -2.99 -21.38 8.59
CA ARG A 151 -3.03 -22.48 9.56
C ARG A 151 -2.09 -23.60 9.14
N ASP A 152 -2.14 -23.97 7.87
CA ASP A 152 -1.09 -24.86 7.38
C ASP A 152 0.11 -24.00 7.02
N GLU A 153 1.12 -23.98 7.90
CA GLU A 153 2.37 -23.22 7.65
C GLU A 153 2.99 -23.56 6.30
N LYS A 154 3.01 -24.86 5.96
CA LYS A 154 3.72 -25.28 4.75
C LYS A 154 3.12 -24.63 3.52
N ARG A 155 1.81 -24.40 3.51
CA ARG A 155 1.18 -23.68 2.42
C ARG A 155 1.74 -22.25 2.31
N SER A 156 1.89 -21.54 3.43
CA SER A 156 2.48 -20.19 3.39
CA SER A 156 2.47 -20.19 3.38
C SER A 156 3.89 -20.21 2.82
N LEU A 157 4.72 -21.13 3.27
CA LEU A 157 6.09 -21.18 2.79
C LEU A 157 6.18 -21.62 1.30
N ASP A 158 5.25 -22.50 0.88
CA ASP A 158 5.13 -22.84 -0.54
C ASP A 158 4.74 -21.62 -1.37
N LEU A 159 3.85 -20.75 -0.84
CA LEU A 159 3.48 -19.55 -1.57
C LEU A 159 4.70 -18.67 -1.74
N VAL A 160 5.54 -18.57 -0.69
CA VAL A 160 6.72 -17.71 -0.80
C VAL A 160 7.61 -18.24 -1.92
N ARG A 161 7.83 -19.56 -1.93
CA ARG A 161 8.70 -20.16 -2.96
C ARG A 161 8.10 -19.98 -4.35
N ARG A 162 6.79 -20.15 -4.49
CA ARG A 162 6.13 -19.88 -5.77
C ARG A 162 6.36 -18.44 -6.19
N ALA A 163 6.16 -17.49 -5.27
CA ALA A 163 6.33 -16.10 -5.65
C ALA A 163 7.76 -15.83 -6.12
N GLU A 164 8.75 -16.34 -5.38
CA GLU A 164 10.14 -16.13 -5.75
C GLU A 164 10.44 -16.76 -7.12
N ASP A 165 9.95 -17.99 -7.32
CA ASP A 165 10.21 -18.69 -8.60
C ASP A 165 9.58 -17.92 -9.75
N ALA A 166 8.44 -17.25 -9.52
CA ALA A 166 7.76 -16.47 -10.55
C ALA A 166 8.37 -15.08 -10.79
N GLY A 167 9.38 -14.69 -10.04
CA GLY A 167 10.05 -13.42 -10.27
C GLY A 167 9.60 -12.28 -9.38
N CYS A 168 8.85 -12.57 -8.32
CA CYS A 168 8.49 -11.46 -7.43
C CYS A 168 9.75 -11.01 -6.72
N GLU A 169 9.78 -9.72 -6.36
N GLU A 169 9.82 -9.72 -6.37
CA GLU A 169 10.99 -9.05 -5.92
CA GLU A 169 11.07 -9.17 -5.87
C GLU A 169 11.03 -8.81 -4.42
C GLU A 169 11.00 -8.68 -4.42
N ALA A 170 9.90 -8.94 -3.72
CA ALA A 170 9.84 -8.69 -2.28
C ALA A 170 8.67 -9.48 -1.74
N ILE A 171 8.75 -9.89 -0.48
CA ILE A 171 7.66 -10.55 0.19
C ILE A 171 7.09 -9.55 1.18
N VAL A 172 5.84 -9.17 0.99
CA VAL A 172 5.15 -8.22 1.87
C VAL A 172 4.33 -9.09 2.82
N PHE A 173 4.89 -9.34 4.02
CA PHE A 173 4.25 -10.23 5.00
C PHE A 173 3.25 -9.38 5.79
N THR A 174 1.96 -9.64 5.66
CA THR A 174 0.94 -8.90 6.38
C THR A 174 0.92 -9.41 7.82
N VAL A 175 1.17 -8.51 8.78
CA VAL A 175 1.32 -8.92 10.19
C VAL A 175 0.19 -8.45 11.06
N ASP A 176 -0.85 -7.83 10.50
CA ASP A 176 -1.94 -7.26 11.28
C ASP A 176 -3.25 -7.98 11.12
N VAL A 177 -3.24 -9.19 10.53
CA VAL A 177 -4.46 -9.97 10.31
C VAL A 177 -4.25 -11.33 10.94
N PRO A 178 -4.19 -11.44 12.27
CA PRO A 178 -4.32 -12.78 12.87
C PRO A 178 -5.64 -13.42 12.52
N TRP A 179 -6.66 -12.58 12.25
CA TRP A 179 -7.95 -12.91 11.69
C TRP A 179 -8.50 -11.61 11.13
N MET A 180 -9.51 -11.72 10.30
CA MET A 180 -10.15 -10.55 9.71
CA MET A 180 -10.14 -10.54 9.71
C MET A 180 -10.93 -9.78 10.76
N GLY A 181 -10.83 -8.44 10.71
CA GLY A 181 -11.66 -7.58 11.53
C GLY A 181 -13.16 -7.69 11.27
N ARG A 182 -13.93 -6.96 12.07
N ARG A 182 -13.93 -7.00 12.09
CA ARG A 182 -15.39 -7.04 12.05
CA ARG A 182 -15.39 -7.10 12.04
C ARG A 182 -15.91 -6.02 11.06
C ARG A 182 -15.92 -6.05 11.07
N ARG A 183 -16.28 -6.49 9.86
CA ARG A 183 -16.68 -5.58 8.78
C ARG A 183 -18.19 -5.44 8.79
N LEU A 184 -18.69 -4.44 9.49
CA LEU A 184 -20.15 -4.36 9.71
C LEU A 184 -20.91 -4.12 8.42
N ARG A 185 -20.33 -3.42 7.44
CA ARG A 185 -21.07 -3.27 6.18
C ARG A 185 -21.25 -4.65 5.54
N ASP A 186 -20.22 -5.48 5.58
CA ASP A 186 -20.29 -6.79 4.95
C ASP A 186 -21.30 -7.67 5.68
N MET A 187 -21.30 -7.61 7.02
CA MET A 187 -22.29 -8.34 7.82
C MET A 187 -23.69 -7.91 7.47
N ARG A 188 -23.92 -6.60 7.43
CA ARG A 188 -25.25 -6.06 7.17
C ARG A 188 -25.69 -6.37 5.75
N ASN A 189 -24.77 -6.35 4.79
CA ASN A 189 -25.13 -6.69 3.42
C ASN A 189 -25.22 -8.20 3.21
N GLY A 190 -24.78 -9.01 4.16
CA GLY A 190 -24.63 -10.44 3.94
C GLY A 190 -23.70 -10.71 2.78
N PHE A 191 -22.62 -9.94 2.67
CA PHE A 191 -21.74 -10.04 1.52
C PHE A 191 -21.01 -11.38 1.47
N ALA A 192 -20.96 -11.98 0.27
CA ALA A 192 -20.11 -13.13 0.02
C ALA A 192 -19.55 -13.02 -1.40
N LEU A 193 -18.43 -13.72 -1.65
CA LEU A 193 -17.85 -13.70 -2.98
C LEU A 193 -18.84 -14.31 -3.97
N PRO A 194 -19.05 -13.70 -5.13
CA PRO A 194 -19.78 -14.37 -6.21
C PRO A 194 -19.10 -15.67 -6.57
N GLU A 195 -19.87 -16.58 -7.18
CA GLU A 195 -19.30 -17.87 -7.55
C GLU A 195 -18.14 -17.72 -8.54
N TRP A 196 -18.12 -16.63 -9.32
CA TRP A 196 -17.10 -16.47 -10.34
C TRP A 196 -15.82 -15.82 -9.82
N VAL A 197 -15.73 -15.51 -8.53
CA VAL A 197 -14.49 -14.98 -7.94
C VAL A 197 -13.98 -16.02 -6.95
N THR A 198 -12.75 -16.48 -7.15
CA THR A 198 -12.13 -17.40 -6.21
C THR A 198 -10.72 -16.94 -5.82
N ALA A 199 -10.21 -17.53 -4.74
CA ALA A 199 -8.80 -17.41 -4.35
C ALA A 199 -8.01 -18.33 -5.26
N ALA A 200 -7.52 -17.75 -6.35
CA ALA A 200 -6.90 -18.53 -7.41
C ALA A 200 -5.56 -19.16 -7.06
N ASN A 201 -4.89 -18.76 -5.97
CA ASN A 201 -3.65 -19.40 -5.57
C ASN A 201 -3.87 -20.73 -4.87
N PHE A 202 -5.10 -21.08 -4.54
CA PHE A 202 -5.42 -22.31 -3.77
C PHE A 202 -6.17 -23.34 -4.60
N GLU A 225 -8.75 -20.47 8.04
CA GLU A 225 -7.59 -20.47 7.16
C GLU A 225 -6.39 -19.59 7.65
N PHE A 226 -6.66 -18.33 8.03
CA PHE A 226 -5.63 -17.47 8.62
C PHE A 226 -5.15 -18.08 9.93
N ALA A 227 -3.83 -18.06 10.15
CA ALA A 227 -3.30 -18.34 11.47
C ALA A 227 -2.58 -17.10 11.98
N PRO A 228 -2.67 -16.78 13.25
CA PRO A 228 -1.85 -15.70 13.77
C PRO A 228 -0.37 -15.93 13.44
N ALA A 229 0.24 -14.94 12.81
CA ALA A 229 1.68 -14.95 12.61
C ALA A 229 2.38 -14.44 13.86
N THR A 230 3.61 -14.92 14.06
CA THR A 230 4.45 -14.45 15.16
C THR A 230 5.83 -14.10 14.59
N TRP A 231 6.69 -13.59 15.47
CA TRP A 231 8.07 -13.33 15.10
C TRP A 231 8.77 -14.60 14.61
N GLU A 232 8.38 -15.77 15.14
CA GLU A 232 8.91 -17.02 14.63
CA GLU A 232 8.90 -17.03 14.64
C GLU A 232 8.54 -17.22 13.17
N SER A 233 7.30 -16.83 12.80
CA SER A 233 6.87 -16.96 11.39
C SER A 233 7.72 -16.07 10.50
N VAL A 234 7.99 -14.85 10.97
CA VAL A 234 8.85 -13.92 10.22
C VAL A 234 10.19 -14.56 9.96
N GLU A 235 10.79 -15.16 11.01
CA GLU A 235 12.09 -15.78 10.83
C GLU A 235 12.03 -16.97 9.87
N ALA A 236 10.95 -17.73 9.90
CA ALA A 236 10.84 -18.84 8.97
C ALA A 236 10.78 -18.33 7.54
N VAL A 237 10.07 -17.21 7.32
CA VAL A 237 10.03 -16.68 5.97
C VAL A 237 11.39 -16.19 5.56
N ARG A 238 12.05 -15.39 6.43
CA ARG A 238 13.38 -14.84 6.15
C ARG A 238 14.38 -15.95 5.80
N ALA A 239 14.27 -17.08 6.48
CA ALA A 239 15.17 -18.22 6.21
C ALA A 239 14.84 -18.92 4.89
N HIS A 240 13.60 -18.81 4.41
CA HIS A 240 13.15 -19.54 3.24
C HIS A 240 13.36 -18.76 1.94
N THR A 241 13.80 -17.51 1.99
CA THR A 241 13.87 -16.70 0.78
C THR A 241 15.08 -15.79 0.82
N ASP A 242 15.58 -15.47 -0.38
CA ASP A 242 16.58 -14.43 -0.54
C ASP A 242 15.97 -13.04 -0.76
N LEU A 243 14.69 -12.97 -0.92
CA LEU A 243 14.06 -11.68 -1.21
C LEU A 243 13.92 -10.86 0.07
N PRO A 244 13.86 -9.54 -0.09
CA PRO A 244 13.60 -8.67 1.07
C PRO A 244 12.22 -9.00 1.63
N VAL A 245 12.13 -9.05 2.98
CA VAL A 245 10.86 -9.28 3.66
C VAL A 245 10.41 -7.95 4.24
N VAL A 246 9.19 -7.57 3.93
CA VAL A 246 8.62 -6.28 4.33
C VAL A 246 7.43 -6.59 5.23
N LEU A 247 7.43 -6.06 6.49
CA LEU A 247 6.32 -6.38 7.40
C LEU A 247 5.27 -5.27 7.28
N LYS A 248 4.06 -5.64 6.86
CA LYS A 248 3.01 -4.66 6.59
C LYS A 248 2.01 -4.69 7.74
N GLY A 249 1.77 -3.54 8.36
CA GLY A 249 0.86 -3.43 9.48
C GLY A 249 1.53 -3.11 10.78
N ILE A 250 2.72 -2.52 10.76
CA ILE A 250 3.43 -2.11 12.00
C ILE A 250 2.94 -0.73 12.41
N LEU A 251 2.64 -0.57 13.71
CA LEU A 251 2.28 0.76 14.23
C LEU A 251 3.07 1.14 15.49
N ALA A 252 3.49 0.16 16.28
CA ALA A 252 4.24 0.48 17.51
C ALA A 252 5.72 0.68 17.18
N VAL A 253 6.32 1.70 17.81
CA VAL A 253 7.72 1.99 17.57
C VAL A 253 8.59 0.79 17.88
N GLU A 254 8.31 0.09 18.98
CA GLU A 254 9.20 -1.02 19.27
CA GLU A 254 9.10 -1.07 19.35
C GLU A 254 8.99 -2.21 18.33
N ASP A 255 7.80 -2.33 17.70
CA ASP A 255 7.68 -3.36 16.68
C ASP A 255 8.46 -2.97 15.42
N ALA A 256 8.57 -1.65 15.12
CA ALA A 256 9.41 -1.25 13.99
C ALA A 256 10.87 -1.55 14.28
N ARG A 257 11.33 -1.24 15.51
CA ARG A 257 12.71 -1.59 15.89
CA ARG A 257 12.70 -1.57 15.87
C ARG A 257 12.94 -3.07 15.80
N ARG A 258 12.00 -3.87 16.35
CA ARG A 258 12.18 -5.31 16.30
C ARG A 258 12.17 -5.82 14.86
N ALA A 259 11.38 -5.19 13.96
CA ALA A 259 11.41 -5.61 12.57
C ALA A 259 12.82 -5.45 11.98
N VAL A 260 13.51 -4.34 12.30
CA VAL A 260 14.86 -4.20 11.79
C VAL A 260 15.76 -5.28 12.38
N ASP A 261 15.66 -5.49 13.70
CA ASP A 261 16.47 -6.53 14.37
C ASP A 261 16.21 -7.91 13.77
N ALA A 262 14.96 -8.19 13.34
CA ALA A 262 14.55 -9.46 12.74
C ALA A 262 15.03 -9.62 11.31
N GLY A 263 15.65 -8.59 10.71
CA GLY A 263 16.17 -8.73 9.37
C GLY A 263 15.19 -8.30 8.28
N ALA A 264 14.11 -7.64 8.66
CA ALA A 264 13.23 -7.08 7.63
C ALA A 264 13.95 -6.06 6.78
N GLY A 265 13.64 -6.10 5.48
CA GLY A 265 14.13 -5.05 4.59
C GLY A 265 13.25 -3.81 4.53
N GLY A 266 12.04 -3.94 5.05
CA GLY A 266 11.16 -2.79 5.09
C GLY A 266 10.00 -3.09 6.02
N ILE A 267 9.23 -2.03 6.31
CA ILE A 267 7.96 -2.16 7.02
C ILE A 267 6.98 -1.24 6.31
N VAL A 268 5.69 -1.54 6.44
CA VAL A 268 4.64 -0.62 6.04
C VAL A 268 3.91 -0.22 7.31
N VAL A 269 4.01 1.05 7.64
CA VAL A 269 3.33 1.64 8.79
C VAL A 269 1.87 1.86 8.37
N SER A 270 0.94 1.15 9.03
CA SER A 270 -0.38 0.96 8.44
C SER A 270 -1.34 0.43 9.48
N ASN A 271 -2.60 0.90 9.41
CA ASN A 271 -3.67 0.26 10.16
C ASN A 271 -4.59 -0.54 9.25
N HIS A 272 -4.07 -0.95 8.10
CA HIS A 272 -4.84 -1.80 7.15
C HIS A 272 -6.05 -1.05 6.62
N GLY A 273 -5.88 0.25 6.36
CA GLY A 273 -7.01 1.04 5.82
C GLY A 273 -8.21 1.07 6.72
N GLY A 274 -7.99 0.99 8.02
CA GLY A 274 -9.06 1.02 9.00
C GLY A 274 -9.94 -0.21 8.98
N ARG A 275 -9.46 -1.32 8.44
CA ARG A 275 -10.23 -2.55 8.28
C ARG A 275 -9.96 -3.58 9.37
N GLN A 276 -8.96 -3.34 10.24
CA GLN A 276 -8.59 -4.35 11.22
C GLN A 276 -9.01 -3.88 12.61
N LEU A 277 -8.09 -3.36 13.46
CA LEU A 277 -8.56 -2.87 14.77
C LEU A 277 -9.24 -1.52 14.61
N ASP A 278 -10.54 -1.43 14.97
CA ASP A 278 -11.23 -0.15 14.95
C ASP A 278 -10.77 0.63 16.18
N GLY A 279 -10.17 1.80 15.97
CA GLY A 279 -9.48 2.52 17.04
C GLY A 279 -7.98 2.42 16.96
N ALA A 280 -7.42 1.65 16.02
CA ALA A 280 -5.99 1.71 15.79
C ALA A 280 -5.57 3.07 15.22
N VAL A 281 -4.49 3.60 15.76
CA VAL A 281 -3.92 4.88 15.31
C VAL A 281 -3.63 4.82 13.80
N PRO A 282 -3.81 5.91 13.08
CA PRO A 282 -3.34 5.93 11.68
C PRO A 282 -1.84 5.79 11.58
N GLY A 283 -1.40 5.10 10.53
CA GLY A 283 0.02 4.99 10.29
C GLY A 283 0.70 6.34 10.16
N ILE A 284 0.05 7.29 9.46
CA ILE A 284 0.66 8.60 9.29
CA ILE A 284 0.64 8.62 9.29
C ILE A 284 0.97 9.31 10.62
N GLU A 285 0.22 8.97 11.68
CA GLU A 285 0.48 9.59 12.99
CA GLU A 285 0.47 9.56 13.00
C GLU A 285 1.67 8.92 13.71
N MET A 286 2.04 7.70 13.35
CA MET A 286 3.22 7.04 13.93
C MET A 286 4.47 7.18 13.09
N LEU A 287 4.32 7.61 11.81
CA LEU A 287 5.41 7.51 10.85
C LEU A 287 6.68 8.24 11.30
N GLY A 288 6.55 9.51 11.74
CA GLY A 288 7.78 10.25 12.06
C GLY A 288 8.55 9.59 13.20
N GLU A 289 7.82 9.14 14.23
CA GLU A 289 8.48 8.49 15.35
CA GLU A 289 8.51 8.52 15.34
C GLU A 289 9.16 7.19 14.92
N ILE A 290 8.49 6.45 14.05
CA ILE A 290 9.05 5.20 13.58
C ILE A 290 10.28 5.43 12.69
N VAL A 291 10.23 6.46 11.81
CA VAL A 291 11.39 6.75 10.97
C VAL A 291 12.59 7.10 11.82
N ALA A 292 12.38 7.91 12.88
CA ALA A 292 13.49 8.23 13.78
C ALA A 292 14.04 6.99 14.49
N ALA A 293 13.17 6.11 14.95
CA ALA A 293 13.63 4.93 15.70
C ALA A 293 14.40 3.94 14.83
N VAL A 294 14.00 3.76 13.58
N VAL A 294 14.02 3.83 13.55
CA VAL A 294 14.77 2.77 12.82
CA VAL A 294 14.56 2.84 12.61
C VAL A 294 16.04 3.39 12.23
C VAL A 294 16.00 3.19 12.18
N SER A 295 16.06 4.72 12.08
N SER A 295 16.37 4.48 12.27
CA SER A 295 17.29 5.44 11.74
CA SER A 295 17.72 4.98 11.90
C SER A 295 18.05 4.76 10.59
C SER A 295 18.21 4.50 10.53
N GLY A 296 17.31 4.54 9.52
CA GLY A 296 17.76 4.04 8.22
C GLY A 296 17.99 2.55 8.15
N GLY A 297 17.61 1.78 9.18
CA GLY A 297 17.87 0.35 9.19
C GLY A 297 16.99 -0.47 8.26
N CYS A 298 15.87 0.09 7.79
CA CYS A 298 15.05 -0.55 6.76
C CYS A 298 14.24 0.55 6.06
N GLU A 299 13.63 0.17 4.94
CA GLU A 299 12.72 1.12 4.26
C GLU A 299 11.45 1.23 5.09
N VAL A 300 10.92 2.44 5.20
CA VAL A 300 9.70 2.66 5.98
C VAL A 300 8.65 3.21 5.02
N LEU A 301 7.67 2.38 4.68
CA LEU A 301 6.56 2.81 3.85
C LEU A 301 5.38 3.14 4.75
N VAL A 302 4.38 3.82 4.19
CA VAL A 302 3.16 4.12 4.93
C VAL A 302 2.00 3.94 3.96
N ASP A 303 0.84 3.62 4.50
CA ASP A 303 -0.38 3.67 3.70
C ASP A 303 -1.57 4.13 4.54
N GLY A 304 -2.72 4.25 3.87
CA GLY A 304 -3.96 4.64 4.52
C GLY A 304 -4.36 6.03 4.12
N GLY A 305 -5.32 6.15 3.18
CA GLY A 305 -5.84 7.46 2.86
C GLY A 305 -5.02 8.30 1.91
N ILE A 306 -3.97 7.77 1.26
CA ILE A 306 -3.23 8.59 0.28
C ILE A 306 -4.16 8.82 -0.92
N ARG A 307 -4.49 10.09 -1.19
CA ARG A 307 -5.50 10.39 -2.23
C ARG A 307 -5.04 11.46 -3.20
N SER A 308 -3.76 11.81 -3.20
CA SER A 308 -3.22 12.78 -4.14
C SER A 308 -1.72 12.76 -4.08
N GLY A 309 -1.11 13.42 -5.08
CA GLY A 309 0.32 13.66 -5.02
C GLY A 309 0.72 14.51 -3.84
N GLY A 310 -0.13 15.46 -3.44
CA GLY A 310 0.16 16.22 -2.25
C GLY A 310 0.22 15.36 -1.01
N ASP A 311 -0.65 14.34 -0.93
CA ASP A 311 -0.57 13.41 0.20
C ASP A 311 0.74 12.61 0.16
N VAL A 312 1.18 12.18 -1.04
CA VAL A 312 2.47 11.51 -1.17
C VAL A 312 3.56 12.41 -0.64
N LEU A 313 3.50 13.71 -1.01
CA LEU A 313 4.50 14.63 -0.51
C LEU A 313 4.48 14.71 1.00
N LYS A 314 3.27 14.77 1.62
CA LYS A 314 3.22 14.82 3.08
C LYS A 314 3.88 13.58 3.67
N ALA A 315 3.55 12.39 3.14
CA ALA A 315 4.13 11.17 3.68
C ALA A 315 5.65 11.19 3.57
N THR A 316 6.17 11.63 2.40
CA THR A 316 7.61 11.71 2.21
CA THR A 316 7.63 11.65 2.27
C THR A 316 8.23 12.69 3.22
N ALA A 317 7.59 13.87 3.39
CA ALA A 317 8.13 14.87 4.32
C ALA A 317 8.13 14.36 5.75
N LEU A 318 7.20 13.45 6.08
CA LEU A 318 7.23 12.80 7.42
C LEU A 318 8.24 11.68 7.48
N GLY A 319 8.91 11.35 6.40
CA GLY A 319 10.05 10.43 6.39
C GLY A 319 9.81 9.12 5.65
N ALA A 320 8.64 8.91 5.03
CA ALA A 320 8.42 7.66 4.32
C ALA A 320 9.34 7.51 3.12
N SER A 321 9.75 6.26 2.89
CA SER A 321 10.49 5.93 1.68
C SER A 321 9.54 5.89 0.48
N ALA A 322 8.30 5.51 0.69
CA ALA A 322 7.30 5.35 -0.36
C ALA A 322 5.97 5.12 0.32
N VAL A 323 4.88 5.22 -0.46
CA VAL A 323 3.54 4.97 0.03
C VAL A 323 2.98 3.75 -0.68
N LEU A 324 1.97 3.14 -0.07
CA LEU A 324 1.07 2.27 -0.84
C LEU A 324 -0.26 2.98 -1.04
N VAL A 325 -0.91 2.69 -2.18
CA VAL A 325 -2.24 3.21 -2.50
C VAL A 325 -3.17 2.02 -2.78
N GLY A 326 -4.30 1.96 -2.08
CA GLY A 326 -5.22 0.82 -2.18
C GLY A 326 -6.50 1.18 -2.90
N ARG A 327 -7.47 1.69 -2.16
CA ARG A 327 -8.82 1.92 -2.72
C ARG A 327 -8.80 2.71 -4.02
N PRO A 328 -8.03 3.77 -4.19
CA PRO A 328 -8.13 4.53 -5.46
C PRO A 328 -7.77 3.70 -6.66
N VAL A 329 -6.84 2.76 -6.52
CA VAL A 329 -6.47 1.91 -7.67
C VAL A 329 -7.68 1.07 -8.05
N MET A 330 -8.43 0.58 -7.07
CA MET A 330 -9.62 -0.20 -7.37
C MET A 330 -10.74 0.65 -7.94
N TRP A 331 -10.85 1.91 -7.51
CA TRP A 331 -11.83 2.80 -8.13
C TRP A 331 -11.55 2.91 -9.61
N ALA A 332 -10.29 3.10 -9.97
CA ALA A 332 -9.91 3.29 -11.38
C ALA A 332 -10.18 1.99 -12.16
N LEU A 333 -9.84 0.86 -11.57
CA LEU A 333 -10.12 -0.44 -12.21
C LEU A 333 -11.61 -0.62 -12.44
N ALA A 334 -12.43 -0.34 -11.43
CA ALA A 334 -13.89 -0.47 -11.60
C ALA A 334 -14.40 0.48 -12.67
N ALA A 335 -13.88 1.71 -12.70
CA ALA A 335 -14.43 2.72 -13.58
C ALA A 335 -14.10 2.42 -15.04
N ALA A 336 -12.88 1.94 -15.30
CA ALA A 336 -12.43 1.87 -16.69
C ALA A 336 -11.37 0.81 -16.93
N GLY A 337 -11.26 -0.21 -16.08
CA GLY A 337 -10.32 -1.28 -16.37
C GLY A 337 -8.86 -0.86 -16.42
N GLN A 338 -8.06 -1.54 -17.24
CA GLN A 338 -6.65 -1.20 -17.36
C GLN A 338 -6.44 0.28 -17.70
N ASP A 339 -7.22 0.80 -18.65
CA ASP A 339 -7.02 2.20 -19.03
CA ASP A 339 -7.01 2.19 -19.04
C ASP A 339 -7.32 3.14 -17.87
N GLY A 340 -8.32 2.78 -17.05
CA GLY A 340 -8.62 3.58 -15.87
C GLY A 340 -7.44 3.60 -14.92
N VAL A 341 -6.85 2.44 -14.65
CA VAL A 341 -5.67 2.42 -13.80
C VAL A 341 -4.54 3.23 -14.38
N ARG A 342 -4.29 3.11 -15.71
CA ARG A 342 -3.28 3.92 -16.36
C ARG A 342 -3.54 5.40 -16.13
N GLN A 343 -4.80 5.85 -16.29
CA GLN A 343 -5.11 7.27 -16.11
C GLN A 343 -4.87 7.69 -14.65
N LEU A 344 -5.25 6.83 -13.70
CA LEU A 344 -4.99 7.15 -12.28
C LEU A 344 -3.50 7.32 -12.03
N LEU A 345 -2.67 6.40 -12.54
CA LEU A 345 -1.25 6.47 -12.28
C LEU A 345 -0.59 7.66 -12.99
N GLU A 346 -1.06 8.02 -14.18
CA GLU A 346 -0.58 9.22 -14.85
C GLU A 346 -0.96 10.48 -14.05
N LEU A 347 -2.19 10.52 -13.53
CA LEU A 347 -2.64 11.65 -12.72
C LEU A 347 -1.80 11.74 -11.43
N LEU A 348 -1.62 10.60 -10.76
CA LEU A 348 -0.78 10.63 -9.54
C LEU A 348 0.65 11.05 -9.86
N ALA A 349 1.24 10.56 -10.96
CA ALA A 349 2.57 11.00 -11.31
C ALA A 349 2.63 12.50 -11.55
N GLU A 350 1.63 13.06 -12.23
CA GLU A 350 1.62 14.49 -12.47
C GLU A 350 1.48 15.23 -11.13
N GLU A 351 0.61 14.75 -10.24
CA GLU A 351 0.42 15.46 -8.98
C GLU A 351 1.67 15.37 -8.11
N VAL A 352 2.37 14.22 -8.13
CA VAL A 352 3.60 14.11 -7.34
C VAL A 352 4.68 15.04 -7.85
N ARG A 353 4.88 15.08 -9.18
N ARG A 353 4.87 15.08 -9.17
CA ARG A 353 5.84 16.00 -9.76
CA ARG A 353 5.86 15.99 -9.74
C ARG A 353 5.49 17.44 -9.44
C ARG A 353 5.50 17.44 -9.46
N ASP A 354 4.21 17.79 -9.59
CA ASP A 354 3.77 19.16 -9.30
C ASP A 354 4.05 19.52 -7.85
N ALA A 355 3.65 18.64 -6.93
CA ALA A 355 3.83 18.97 -5.52
C ALA A 355 5.29 19.06 -5.15
N MET A 356 6.13 18.15 -5.65
CA MET A 356 7.54 18.21 -5.33
C MET A 356 8.16 19.51 -5.79
N GLY A 357 7.87 19.91 -7.03
CA GLY A 357 8.52 21.10 -7.56
C GLY A 357 8.02 22.36 -6.88
N LEU A 358 6.71 22.44 -6.62
CA LEU A 358 6.15 23.57 -5.87
C LEU A 358 6.77 23.66 -4.49
N ALA A 359 7.18 22.52 -3.91
CA ALA A 359 7.86 22.51 -2.60
C ALA A 359 9.40 22.61 -2.69
N GLY A 360 9.97 22.81 -3.88
CA GLY A 360 11.38 23.03 -4.00
C GLY A 360 12.20 21.77 -4.02
N CYS A 361 11.62 20.65 -4.43
CA CYS A 361 12.32 19.37 -4.30
C CYS A 361 12.58 18.76 -5.66
N GLU A 362 13.86 18.61 -5.99
CA GLU A 362 14.20 18.03 -7.29
C GLU A 362 14.26 16.52 -7.20
N SER A 363 14.21 15.95 -6.00
CA SER A 363 14.27 14.51 -5.81
C SER A 363 13.43 14.13 -4.61
N VAL A 364 13.08 12.86 -4.51
CA VAL A 364 12.36 12.35 -3.33
C VAL A 364 13.20 12.54 -2.07
N GLY A 365 14.51 12.36 -2.16
CA GLY A 365 15.33 12.58 -0.95
C GLY A 365 15.17 13.99 -0.42
N ALA A 366 15.11 14.98 -1.31
CA ALA A 366 14.90 16.33 -0.85
C ALA A 366 13.54 16.49 -0.19
N ALA A 367 12.51 15.81 -0.74
CA ALA A 367 11.20 15.87 -0.15
C ALA A 367 11.20 15.29 1.26
N ARG A 368 12.02 14.26 1.51
CA ARG A 368 12.07 13.71 2.87
C ARG A 368 12.68 14.70 3.87
N ARG A 369 13.45 15.67 3.41
CA ARG A 369 14.02 16.69 4.29
C ARG A 369 13.11 17.91 4.49
N LEU A 370 11.95 17.95 3.83
CA LEU A 370 11.00 18.99 4.14
C LEU A 370 10.51 18.88 5.56
N ASN A 371 10.19 20.04 6.13
CA ASN A 371 9.51 20.08 7.41
C ASN A 371 8.00 20.25 7.23
N THR A 372 7.25 19.89 8.28
CA THR A 372 5.80 19.94 8.30
C THR A 372 5.35 20.67 9.56
N LYS A 373 4.08 21.04 9.54
CA LYS A 373 3.47 21.68 10.70
C LYS A 373 2.08 21.11 10.81
N LEU A 374 1.69 20.70 12.03
CA LEU A 374 0.29 20.31 12.23
C LEU A 374 -0.58 21.56 12.32
N GLY A 375 -1.77 21.47 11.73
CA GLY A 375 -2.69 22.59 11.75
C GLY A 375 -4.04 22.06 12.19
N VAL A 376 -5.07 22.89 12.12
CA VAL A 376 -6.43 22.46 12.40
C VAL A 376 -7.24 22.55 11.11
N VAL A 377 -8.17 21.63 10.98
CA VAL A 377 -9.05 21.59 9.82
C VAL A 377 -10.45 21.69 10.41
#